data_3GBW
#
_entry.id   3GBW
#
_cell.length_a   41.688
_cell.length_b   57.767
_cell.length_c   64.633
_cell.angle_alpha   90.000
_cell.angle_beta   90.000
_cell.angle_gamma   90.000
#
_symmetry.space_group_name_H-M   'P 21 21 21'
#
loop_
_entity.id
_entity.type
_entity.pdbx_description
1 polymer 'E3 ubiquitin-protein ligase MYCBP2'
2 water water
#
_entity_poly.entity_id   1
_entity_poly.type   'polypeptide(L)'
_entity_poly.pdbx_seq_one_letter_code
;SLEDYSVVNRFESHGGGWGYSAHSVEAIRFSADTDILLGGLGLFGGRGEYTAKIKLFELGPDGGDHETDGDLLAETDVLA
YDCAAREKYA(MSE)(MSE)FDEPVLLQAGWWYVAWARVSGPSSDCGSHGQASITTDDGVIFQFKSSKKSNNGTDVNAGQ
IPQLLYRLPTSD
;
_entity_poly.pdbx_strand_id   A
#
# COMPACT_ATOMS: atom_id res chain seq x y z
N SER A 1 -0.72 9.16 23.74
CA SER A 1 0.45 8.66 22.99
C SER A 1 -0.02 8.27 21.60
N LEU A 2 0.89 7.80 20.78
CA LEU A 2 0.59 7.43 19.41
C LEU A 2 -0.51 6.37 19.35
N GLU A 3 -1.53 6.62 18.54
CA GLU A 3 -2.66 5.71 18.37
C GLU A 3 -2.21 4.42 17.68
N ASP A 4 -2.69 3.30 18.18
CA ASP A 4 -2.38 2.02 17.59
C ASP A 4 -3.26 1.71 16.39
N TYR A 5 -2.66 1.03 15.40
N TYR A 5 -2.77 0.84 15.53
CA TYR A 5 -3.34 0.58 14.15
CA TYR A 5 -3.57 0.38 14.45
C TYR A 5 -3.03 -0.91 13.92
C TYR A 5 -3.22 -1.06 14.22
N SER A 6 -3.94 -1.63 13.28
CA SER A 6 -3.73 -3.01 12.84
C SER A 6 -3.04 -3.00 11.50
N VAL A 7 -2.40 -4.12 11.18
CA VAL A 7 -1.65 -4.22 9.94
C VAL A 7 -2.16 -5.41 9.13
N VAL A 8 -2.23 -5.27 7.82
CA VAL A 8 -2.33 -6.44 6.94
C VAL A 8 -1.07 -6.47 6.09
N ASN A 9 -0.39 -7.61 6.13
CA ASN A 9 0.82 -7.88 5.37
C ASN A 9 0.47 -8.67 4.13
N ARG A 10 0.65 -8.10 2.95
CA ARG A 10 0.26 -8.80 1.71
C ARG A 10 1.31 -9.78 1.18
N PHE A 11 2.55 -9.66 1.64
CA PHE A 11 3.62 -10.58 1.20
C PHE A 11 3.92 -11.64 2.23
N GLU A 12 4.16 -12.87 1.76
CA GLU A 12 4.60 -13.94 2.64
C GLU A 12 6.13 -14.08 2.70
N SER A 13 6.85 -13.39 1.82
CA SER A 13 8.31 -13.51 1.80
C SER A 13 8.96 -12.22 1.29
N HIS A 14 10.27 -12.27 1.11
CA HIS A 14 11.06 -11.14 0.66
C HIS A 14 11.64 -11.46 -0.69
N GLY A 15 12.07 -10.44 -1.41
CA GLY A 15 12.83 -10.62 -2.64
C GLY A 15 14.27 -10.21 -2.43
N GLY A 16 15.00 -9.94 -3.51
CA GLY A 16 16.32 -9.35 -3.39
C GLY A 16 16.13 -7.90 -2.99
N GLY A 17 16.42 -7.02 -3.91
CA GLY A 17 16.28 -5.62 -3.68
C GLY A 17 15.32 -5.07 -4.71
N TRP A 18 14.90 -3.85 -4.45
CA TRP A 18 14.05 -3.11 -5.37
C TRP A 18 14.69 -1.79 -5.66
N GLY A 19 14.72 -1.38 -6.92
CA GLY A 19 15.23 -0.07 -7.29
C GLY A 19 14.15 0.88 -7.77
N TYR A 20 14.52 2.16 -7.85
CA TYR A 20 13.60 3.24 -8.20
C TYR A 20 14.24 4.10 -9.29
N SER A 21 13.40 4.82 -10.03
CA SER A 21 13.88 5.76 -11.03
CA SER A 21 13.77 5.70 -11.15
C SER A 21 13.02 7.01 -10.96
N ALA A 22 13.33 8.01 -11.78
CA ALA A 22 12.74 9.35 -11.67
C ALA A 22 11.20 9.49 -11.63
N HIS A 23 10.52 8.58 -12.30
CA HIS A 23 9.05 8.60 -12.41
C HIS A 23 8.41 7.29 -11.97
N SER A 24 9.12 6.52 -11.15
CA SER A 24 8.61 5.25 -10.64
CA SER A 24 8.59 5.25 -10.66
C SER A 24 7.40 5.46 -9.75
N VAL A 25 6.39 4.62 -9.93
CA VAL A 25 5.16 4.63 -9.13
C VAL A 25 4.86 3.19 -8.73
N GLU A 26 4.67 2.98 -7.42
CA GLU A 26 4.22 1.70 -6.90
C GLU A 26 2.73 1.81 -6.61
N ALA A 27 1.95 0.80 -6.99
CA ALA A 27 0.53 0.82 -6.70
C ALA A 27 -0.01 -0.59 -6.63
N ILE A 28 -1.12 -0.75 -5.92
CA ILE A 28 -1.80 -2.02 -5.80
C ILE A 28 -3.28 -1.75 -5.57
N ARG A 29 -4.15 -2.50 -6.26
CA ARG A 29 -5.58 -2.43 -5.99
C ARG A 29 -5.92 -3.32 -4.79
N PHE A 30 -6.90 -2.91 -4.01
CA PHE A 30 -7.34 -3.72 -2.88
C PHE A 30 -8.79 -3.46 -2.52
N SER A 31 -9.35 -4.43 -1.81
CA SER A 31 -10.67 -4.30 -1.24
C SER A 31 -10.72 -5.09 0.05
N ALA A 32 -11.44 -4.57 1.03
CA ALA A 32 -11.75 -5.30 2.26
C ALA A 32 -13.24 -5.65 2.28
N ASP A 33 -13.58 -6.78 2.90
CA ASP A 33 -14.98 -7.22 2.97
C ASP A 33 -15.73 -6.63 4.15
N THR A 34 -15.11 -5.66 4.82
CA THR A 34 -15.62 -5.04 6.04
C THR A 34 -15.25 -3.56 5.96
N ASP A 35 -16.10 -2.65 6.43
CA ASP A 35 -15.71 -1.26 6.51
C ASP A 35 -14.47 -1.13 7.40
N ILE A 36 -13.47 -0.38 6.94
CA ILE A 36 -12.27 -0.13 7.74
C ILE A 36 -11.87 1.32 7.64
N LEU A 37 -11.16 1.80 8.66
CA LEU A 37 -10.54 3.11 8.65
C LEU A 37 -9.09 2.95 8.24
N LEU A 38 -8.74 3.41 7.03
CA LEU A 38 -7.37 3.27 6.53
C LEU A 38 -6.55 4.44 7.02
N GLY A 39 -5.54 4.17 7.84
CA GLY A 39 -4.68 5.21 8.37
C GLY A 39 -3.42 5.50 7.59
N GLY A 40 -2.91 4.52 6.86
CA GLY A 40 -1.64 4.68 6.18
C GLY A 40 -1.24 3.43 5.44
N LEU A 41 -0.02 3.48 4.91
CA LEU A 41 0.56 2.39 4.15
C LEU A 41 1.91 2.07 4.76
N GLY A 42 2.25 0.79 4.83
CA GLY A 42 3.58 0.36 5.21
C GLY A 42 4.44 0.23 3.97
N LEU A 43 5.64 0.81 4.04
CA LEU A 43 6.61 0.82 2.95
C LEU A 43 7.90 0.18 3.32
N PHE A 44 8.52 -0.52 2.38
CA PHE A 44 9.88 -0.98 2.60
C PHE A 44 10.87 0.16 2.46
N GLY A 45 11.97 0.02 3.18
CA GLY A 45 13.17 0.83 3.02
C GLY A 45 14.33 -0.09 3.34
N GLY A 46 15.03 0.17 4.44
CA GLY A 46 15.92 -0.81 5.04
C GLY A 46 17.38 -0.74 4.64
N ARG A 47 17.71 0.04 3.61
CA ARG A 47 19.08 0.06 3.06
C ARG A 47 19.50 1.48 2.76
N GLY A 48 19.04 2.43 3.57
CA GLY A 48 19.44 3.83 3.44
C GLY A 48 18.31 4.78 3.73
N GLU A 49 18.37 5.93 3.06
CA GLU A 49 17.41 7.01 3.25
C GLU A 49 16.51 7.14 2.03
N TYR A 50 15.21 7.28 2.27
CA TYR A 50 14.21 7.28 1.20
C TYR A 50 13.32 8.47 1.32
N THR A 51 12.53 8.73 0.29
CA THR A 51 11.37 9.61 0.40
C THR A 51 10.18 8.91 -0.21
N ALA A 52 9.00 9.28 0.23
CA ALA A 52 7.78 8.84 -0.44
C ALA A 52 6.63 9.81 -0.27
N LYS A 53 5.78 9.81 -1.30
CA LYS A 53 4.44 10.44 -1.25
CA LYS A 53 4.47 10.44 -1.31
C LYS A 53 3.47 9.29 -1.43
N ILE A 54 2.40 9.28 -0.64
CA ILE A 54 1.36 8.25 -0.79
C ILE A 54 0.02 8.87 -1.20
N LYS A 55 -0.79 8.07 -1.87
CA LYS A 55 -2.14 8.45 -2.32
C LYS A 55 -3.07 7.28 -2.14
N LEU A 56 -4.36 7.61 -2.05
CA LEU A 56 -5.44 6.64 -2.04
C LEU A 56 -6.45 7.06 -3.08
N PHE A 57 -6.78 6.15 -3.99
CA PHE A 57 -7.83 6.38 -5.00
C PHE A 57 -8.99 5.44 -4.77
N GLU A 58 -10.19 5.93 -5.02
CA GLU A 58 -11.44 5.17 -5.00
CA GLU A 58 -11.40 5.10 -5.00
C GLU A 58 -11.73 4.64 -6.40
N LEU A 59 -11.99 3.34 -6.53
CA LEU A 59 -12.49 2.75 -7.79
C LEU A 59 -13.97 2.38 -7.71
N GLY A 60 -14.42 1.97 -6.53
CA GLY A 60 -15.83 1.63 -6.33
C GLY A 60 -16.07 0.14 -6.34
N PRO A 61 -17.36 -0.25 -6.33
CA PRO A 61 -17.69 -1.66 -6.16
C PRO A 61 -17.23 -2.54 -7.33
N ASP A 62 -17.07 -1.97 -8.52
CA ASP A 62 -16.70 -2.74 -9.71
C ASP A 62 -15.21 -2.67 -10.03
N GLY A 63 -14.41 -2.09 -9.14
CA GLY A 63 -13.03 -1.80 -9.45
C GLY A 63 -12.10 -2.99 -9.48
N GLY A 64 -12.55 -4.14 -8.99
CA GLY A 64 -11.80 -5.39 -9.12
C GLY A 64 -11.89 -6.00 -10.51
N ASP A 65 -12.97 -5.68 -11.22
CA ASP A 65 -13.25 -6.24 -12.54
CA ASP A 65 -13.22 -6.25 -12.54
C ASP A 65 -12.93 -5.25 -13.66
N HIS A 66 -13.05 -3.96 -13.36
CA HIS A 66 -12.82 -2.91 -14.35
C HIS A 66 -12.08 -1.73 -13.68
N GLU A 67 -10.76 -1.59 -13.94
CA GLU A 67 -9.97 -0.52 -13.32
CA GLU A 67 -9.94 -0.52 -13.37
C GLU A 67 -10.08 0.77 -14.12
N THR A 68 -10.79 1.72 -13.56
CA THR A 68 -10.87 3.06 -14.11
C THR A 68 -9.70 3.83 -13.50
N ASP A 69 -9.60 5.13 -13.80
CA ASP A 69 -8.51 5.95 -13.24
C ASP A 69 -8.75 6.37 -11.79
N GLY A 70 -9.98 6.21 -11.33
CA GLY A 70 -10.32 6.40 -9.93
C GLY A 70 -10.43 7.84 -9.53
N ASP A 71 -10.89 8.05 -8.31
CA ASP A 71 -11.05 9.37 -7.73
C ASP A 71 -10.13 9.48 -6.53
N LEU A 72 -9.33 10.53 -6.50
CA LEU A 72 -8.39 10.73 -5.40
C LEU A 72 -9.11 11.02 -4.08
N LEU A 73 -8.83 10.23 -3.06
CA LEU A 73 -9.41 10.42 -1.71
C LEU A 73 -8.44 11.00 -0.70
N ALA A 74 -7.14 10.77 -0.89
CA ALA A 74 -6.15 11.24 0.09
C ALA A 74 -4.80 11.30 -0.56
N GLU A 75 -4.00 12.26 -0.13
CA GLU A 75 -2.62 12.38 -0.60
C GLU A 75 -1.77 13.05 0.49
N THR A 76 -0.48 12.69 0.53
CA THR A 76 0.48 13.34 1.41
C THR A 76 1.49 14.11 0.58
N ASP A 77 2.27 14.94 1.27
CA ASP A 77 3.45 15.56 0.69
C ASP A 77 4.57 14.53 0.65
N VAL A 78 5.65 14.83 -0.05
CA VAL A 78 6.84 14.00 -0.02
C VAL A 78 7.47 14.06 1.37
N LEU A 79 7.74 12.89 1.94
CA LEU A 79 8.31 12.82 3.28
CA LEU A 79 8.26 12.78 3.29
C LEU A 79 9.47 11.85 3.28
N ALA A 80 10.56 12.27 3.92
CA ALA A 80 11.73 11.43 4.10
C ALA A 80 11.43 10.36 5.13
N TYR A 81 11.98 9.18 4.94
CA TYR A 81 11.85 8.10 5.91
C TYR A 81 13.00 7.13 5.83
N ASP A 82 13.16 6.37 6.90
CA ASP A 82 14.03 5.23 6.91
C ASP A 82 13.44 4.20 7.88
N CYS A 83 14.00 3.01 7.88
CA CYS A 83 13.60 1.98 8.83
C CYS A 83 14.72 0.96 8.86
N ALA A 84 14.64 0.08 9.85
CA ALA A 84 15.63 -0.97 9.99
C ALA A 84 15.46 -1.97 8.87
N ALA A 85 16.56 -2.64 8.54
CA ALA A 85 16.54 -3.73 7.59
C ALA A 85 15.41 -4.70 7.94
N ARG A 86 14.65 -5.10 6.92
CA ARG A 86 13.58 -6.10 7.04
CA ARG A 86 13.57 -6.09 7.00
C ARG A 86 12.26 -5.54 7.57
N GLU A 87 12.30 -4.33 8.13
CA GLU A 87 11.11 -3.75 8.74
C GLU A 87 10.33 -2.93 7.72
N LYS A 88 9.19 -2.43 8.15
CA LYS A 88 8.38 -1.55 7.32
C LYS A 88 8.26 -0.20 8.00
N TYR A 89 8.18 0.84 7.19
CA TYR A 89 7.92 2.17 7.70
C TYR A 89 6.44 2.48 7.53
N ALA A 90 5.81 2.96 8.59
CA ALA A 90 4.40 3.33 8.60
C ALA A 90 4.22 4.77 8.14
N MSE A 91 3.84 4.96 6.86
CA MSE A 91 3.56 6.30 6.36
CA MSE A 91 3.57 6.27 6.31
C MSE A 91 2.08 6.56 6.45
O MSE A 91 1.26 5.88 5.83
CB MSE A 91 4.06 6.54 4.94
CB MSE A 91 3.98 6.31 4.83
CG MSE A 91 3.95 8.01 4.55
CG MSE A 91 3.89 7.70 4.22
SE MSE A 91 4.94 8.46 2.95
SE MSE A 91 5.27 8.87 4.86
CE MSE A 91 6.70 8.48 3.78
CE MSE A 91 6.78 8.07 3.94
N MSE A 92 1.73 7.56 7.25
CA MSE A 92 0.34 7.83 7.56
C MSE A 92 -0.24 8.92 6.68
O MSE A 92 0.44 9.92 6.38
CB MSE A 92 0.20 8.22 9.03
CG MSE A 92 0.86 7.25 10.00
SE MSE A 92 0.27 5.40 9.82
CE MSE A 92 -1.45 5.56 10.64
N PHE A 93 -1.49 8.74 6.26
CA PHE A 93 -2.23 9.81 5.63
C PHE A 93 -2.46 10.93 6.63
N ASP A 94 -2.72 12.13 6.10
CA ASP A 94 -2.96 13.28 6.96
C ASP A 94 -4.15 12.99 7.89
N GLU A 95 -5.17 12.33 7.35
CA GLU A 95 -6.35 11.89 8.11
C GLU A 95 -6.73 10.49 7.64
N PRO A 96 -7.24 9.64 8.55
CA PRO A 96 -7.71 8.34 8.11
C PRO A 96 -8.95 8.44 7.21
N VAL A 97 -9.12 7.43 6.36
CA VAL A 97 -10.21 7.43 5.39
C VAL A 97 -11.07 6.21 5.64
N LEU A 98 -12.38 6.40 5.76
CA LEU A 98 -13.31 5.30 5.92
C LEU A 98 -13.57 4.63 4.57
N LEU A 99 -13.20 3.35 4.47
CA LEU A 99 -13.39 2.56 3.25
C LEU A 99 -14.65 1.69 3.40
N GLN A 100 -15.33 1.50 2.28
CA GLN A 100 -16.59 0.75 2.24
CA GLN A 100 -16.58 0.75 2.26
C GLN A 100 -16.35 -0.71 1.88
N ALA A 101 -16.98 -1.61 2.65
CA ALA A 101 -16.93 -3.04 2.40
C ALA A 101 -17.28 -3.35 0.94
N GLY A 102 -16.44 -4.16 0.29
CA GLY A 102 -16.67 -4.56 -1.08
C GLY A 102 -16.28 -3.56 -2.13
N TRP A 103 -15.89 -2.35 -1.73
CA TRP A 103 -15.40 -1.36 -2.69
C TRP A 103 -13.90 -1.53 -2.88
N TRP A 104 -13.44 -1.14 -4.06
CA TRP A 104 -12.06 -1.27 -4.47
C TRP A 104 -11.40 0.09 -4.47
N TYR A 105 -10.14 0.07 -4.09
CA TYR A 105 -9.29 1.26 -3.94
C TYR A 105 -7.93 0.97 -4.54
N VAL A 106 -7.16 2.05 -4.79
CA VAL A 106 -5.76 1.90 -5.17
C VAL A 106 -4.91 2.53 -4.09
N ALA A 107 -3.99 1.74 -3.55
CA ALA A 107 -2.92 2.21 -2.65
C ALA A 107 -1.74 2.56 -3.52
N TRP A 108 -1.16 3.74 -3.33
CA TRP A 108 -0.21 4.31 -4.27
C TRP A 108 0.92 4.95 -3.51
N ALA A 109 2.13 4.76 -4.00
CA ALA A 109 3.31 5.34 -3.38
C ALA A 109 4.35 5.64 -4.44
N ARG A 110 4.89 6.85 -4.39
CA ARG A 110 6.02 7.24 -5.23
C ARG A 110 7.22 7.30 -4.31
N VAL A 111 8.09 6.31 -4.43
CA VAL A 111 9.26 6.13 -3.57
C VAL A 111 10.49 6.52 -4.35
N SER A 112 11.39 7.22 -3.68
CA SER A 112 12.69 7.55 -4.24
C SER A 112 13.78 7.16 -3.24
N GLY A 113 14.95 6.82 -3.77
CA GLY A 113 16.07 6.44 -2.94
C GLY A 113 16.87 5.34 -3.59
N PRO A 114 17.82 4.76 -2.84
CA PRO A 114 18.63 3.66 -3.33
C PRO A 114 17.81 2.37 -3.31
N SER A 115 18.45 1.26 -3.58
CA SER A 115 17.79 -0.03 -3.49
C SER A 115 17.18 -0.18 -2.11
N SER A 116 16.04 -0.89 -2.06
CA SER A 116 15.37 -1.18 -0.80
C SER A 116 15.06 -2.67 -0.67
N ASP A 117 14.60 -3.05 0.51
CA ASP A 117 13.94 -4.31 0.69
C ASP A 117 12.70 -4.38 -0.21
N CYS A 118 12.21 -5.59 -0.42
CA CYS A 118 11.00 -5.80 -1.20
C CYS A 118 10.29 -7.08 -0.81
N GLY A 119 9.05 -7.21 -1.29
CA GLY A 119 8.24 -8.38 -1.02
C GLY A 119 8.26 -9.36 -2.17
N SER A 120 8.02 -10.63 -1.80
CA SER A 120 7.68 -11.67 -2.76
C SER A 120 6.60 -12.56 -2.16
N HIS A 121 6.08 -13.48 -2.97
CA HIS A 121 4.95 -14.32 -2.56
C HIS A 121 3.79 -13.48 -2.05
N GLY A 122 3.49 -12.43 -2.79
CA GLY A 122 2.32 -11.63 -2.49
C GLY A 122 1.05 -12.44 -2.72
N GLN A 123 0.03 -12.11 -1.94
CA GLN A 123 -1.20 -12.88 -1.90
C GLN A 123 -2.37 -12.12 -2.50
N ALA A 124 -3.20 -12.84 -3.26
CA ALA A 124 -4.41 -12.27 -3.82
C ALA A 124 -5.47 -12.07 -2.75
N SER A 125 -5.38 -12.84 -1.65
CA SER A 125 -6.32 -12.76 -0.54
CA SER A 125 -6.30 -12.72 -0.54
C SER A 125 -5.56 -12.99 0.76
N ILE A 126 -5.84 -12.15 1.77
CA ILE A 126 -5.31 -12.29 3.12
C ILE A 126 -6.48 -12.14 4.09
N THR A 127 -6.61 -13.08 5.02
CA THR A 127 -7.58 -12.96 6.10
C THR A 127 -6.81 -12.59 7.36
N THR A 128 -7.09 -11.42 7.91
CA THR A 128 -6.41 -10.98 9.12
C THR A 128 -7.03 -11.68 10.33
N ASP A 129 -6.33 -11.57 11.45
CA ASP A 129 -6.69 -12.28 12.70
C ASP A 129 -8.09 -11.90 13.19
N ASP A 130 -8.50 -10.67 12.93
CA ASP A 130 -9.84 -10.21 13.28
C ASP A 130 -10.94 -10.68 12.31
N GLY A 131 -10.57 -11.46 11.30
CA GLY A 131 -11.57 -12.04 10.40
C GLY A 131 -11.83 -11.27 9.10
N VAL A 132 -11.23 -10.09 8.95
CA VAL A 132 -11.44 -9.28 7.75
C VAL A 132 -10.72 -9.93 6.58
N ILE A 133 -11.38 -10.00 5.43
CA ILE A 133 -10.76 -10.54 4.22
C ILE A 133 -10.37 -9.38 3.30
N PHE A 134 -9.08 -9.29 3.01
CA PHE A 134 -8.52 -8.33 2.07
C PHE A 134 -8.20 -9.02 0.76
N GLN A 135 -8.56 -8.39 -0.35
CA GLN A 135 -8.17 -8.86 -1.68
C GLN A 135 -7.22 -7.84 -2.29
N PHE A 136 -6.27 -8.34 -3.08
CA PHE A 136 -5.27 -7.52 -3.77
C PHE A 136 -5.22 -7.93 -5.22
N LYS A 137 -5.11 -6.93 -6.10
CA LYS A 137 -4.91 -7.16 -7.53
C LYS A 137 -3.93 -6.12 -8.05
N SER A 138 -3.23 -6.48 -9.12
CA SER A 138 -2.31 -5.54 -9.74
C SER A 138 -3.04 -4.31 -10.25
N SER A 139 -2.36 -3.16 -10.22
CA SER A 139 -2.91 -1.87 -10.65
C SER A 139 -2.17 -1.35 -11.87
N LYS A 140 -2.95 -0.87 -12.83
CA LYS A 140 -2.37 -0.20 -14.01
C LYS A 140 -1.56 1.07 -13.70
N LYS A 141 -1.67 1.64 -12.51
CA LYS A 141 -0.87 2.80 -12.14
C LYS A 141 0.56 2.42 -11.78
N SER A 142 0.80 1.14 -11.49
CA SER A 142 2.11 0.68 -11.04
C SER A 142 3.02 0.54 -12.26
N ASN A 143 4.17 1.22 -12.29
CA ASN A 143 5.05 1.23 -13.47
C ASN A 143 6.47 0.76 -13.23
N ASN A 144 6.74 0.24 -12.04
CA ASN A 144 8.11 -0.12 -11.59
C ASN A 144 8.16 -1.52 -10.98
N GLY A 145 7.29 -2.39 -11.48
CA GLY A 145 7.32 -3.81 -11.13
C GLY A 145 6.45 -4.27 -9.97
N THR A 146 5.93 -3.34 -9.17
CA THR A 146 5.11 -3.74 -8.03
C THR A 146 3.77 -4.27 -8.52
N ASP A 147 3.40 -5.45 -8.06
CA ASP A 147 2.17 -6.10 -8.50
C ASP A 147 1.67 -7.01 -7.39
N VAL A 148 0.67 -7.85 -7.68
CA VAL A 148 0.10 -8.70 -6.67
C VAL A 148 1.15 -9.63 -6.04
N ASN A 149 2.18 -9.99 -6.81
CA ASN A 149 3.20 -10.93 -6.34
C ASN A 149 4.41 -10.33 -5.63
N ALA A 150 4.80 -9.10 -5.99
CA ALA A 150 6.12 -8.60 -5.66
C ALA A 150 6.16 -7.10 -5.46
N GLY A 151 7.20 -6.65 -4.76
CA GLY A 151 7.60 -5.26 -4.77
C GLY A 151 7.31 -4.49 -3.50
N GLN A 152 6.68 -3.33 -3.67
CA GLN A 152 6.46 -2.36 -2.62
C GLN A 152 5.04 -2.40 -2.06
N ILE A 153 4.80 -1.51 -1.09
CA ILE A 153 3.53 -1.43 -0.36
C ILE A 153 3.17 -2.74 0.32
N PRO A 154 4.05 -3.20 1.23
CA PRO A 154 3.76 -4.44 1.93
C PRO A 154 2.55 -4.42 2.87
N GLN A 155 2.12 -3.26 3.32
CA GLN A 155 1.08 -3.22 4.36
C GLN A 155 0.04 -2.15 4.12
N LEU A 156 -1.17 -2.48 4.55
CA LEU A 156 -2.21 -1.49 4.84
C LEU A 156 -2.33 -1.36 6.35
N LEU A 157 -2.47 -0.14 6.84
CA LEU A 157 -2.55 0.16 8.26
C LEU A 157 -3.96 0.66 8.53
N TYR A 158 -4.69 -0.04 9.39
CA TYR A 158 -6.13 0.19 9.50
C TYR A 158 -6.64 -0.01 10.92
N ARG A 159 -7.84 0.51 11.15
CA ARG A 159 -8.60 0.21 12.38
C ARG A 159 -10.02 -0.13 11.98
N LEU A 160 -10.69 -0.93 12.81
CA LEU A 160 -12.11 -1.17 12.60
C LEU A 160 -12.87 -0.02 13.23
N PRO A 161 -13.90 0.51 12.54
CA PRO A 161 -14.71 1.57 13.14
C PRO A 161 -15.32 1.13 14.46
#